data_5NW7
#
_entry.id   5NW7
#
_cell.length_a   87.970
_cell.length_b   107.860
_cell.length_c   44.030
_cell.angle_alpha   90.000
_cell.angle_beta   90.000
_cell.angle_gamma   90.000
#
_symmetry.space_group_name_H-M   'P 21 21 2'
#
loop_
_entity.id
_entity.type
_entity.pdbx_description
1 polymer 'Mannose-6-phosphate isomerase'
2 non-polymer 'ZINC ION'
3 non-polymer '[(2~{R},3~{R},4~{S})-5-diazanyl-2,3,4-tris(oxidanyl)-5-oxidanylidene-pentyl] dihydrogen phosphate'
4 water water
#
_entity_poly.entity_id   1
_entity_poly.type   'polypeptide(L)'
_entity_poly.pdbx_seq_one_letter_code
;MRGSHHHHHHGMASMSSEKLFRIQCGYQNYDWGKIGSSSAVAQFVHNSDPSITIDETKPYAELWMGTHPSVPSKAIDLNN
QTLRDLVTAKPQEYLGESIITKFGSSKELPFLFKVLSIEKVLSIQAHPDKKLGAQLHAADPKNYPDDNHKPEMAIAVTDF
EGFCGFKPLDQLAKTLATVPELNEIIGQELVDEFISGIKLPAEVGSQDDVNNRKLLQKVFGKLMNTDDDVIKQQTAKLLE
RTDREPQVFKDIDSRLPELIQRLNKQFPNDIGLFCGCLLLNHVGLNKGEAMFLQAKDPHAYISGDIIECMAASDNVVRAG
FTPKFKDVKNLVEMLTYSYESVEKQKMPLQEFPRSKGDAVKSVLYDPPIAEFSVLQTIFDKSKGGKQVIEGLNGPSIVIA
TNGKGTIQITGDDSTKQKIDTGYVFFVAPGSSIELTADSANQDQDFTTYRAFVEA
;
_entity_poly.pdbx_strand_id   A
#
# COMPACT_ATOMS: atom_id res chain seq x y z
N SER A 16 19.96 1.95 -26.97
CA SER A 16 19.55 2.58 -25.69
C SER A 16 18.77 3.91 -25.86
N SER A 17 17.51 3.75 -26.24
CA SER A 17 16.51 4.83 -26.16
C SER A 17 16.46 5.41 -24.77
N GLU A 18 16.28 6.75 -24.66
CA GLU A 18 15.97 7.41 -23.39
C GLU A 18 14.45 7.61 -23.19
N LYS A 19 13.65 7.00 -24.08
CA LYS A 19 12.19 7.05 -23.98
C LYS A 19 11.59 5.80 -23.36
N LEU A 20 12.19 4.63 -23.60
CA LEU A 20 11.71 3.38 -23.10
C LEU A 20 12.94 2.60 -22.75
N PHE A 21 13.09 2.28 -21.47
CA PHE A 21 14.34 1.70 -21.02
C PHE A 21 14.13 0.93 -19.72
N ARG A 22 14.87 -0.18 -19.60
CA ARG A 22 14.90 -0.94 -18.37
C ARG A 22 15.52 -0.31 -17.11
N ILE A 23 14.86 -0.56 -15.98
CA ILE A 23 15.37 -0.15 -14.69
C ILE A 23 15.47 -1.34 -13.75
N GLN A 24 16.57 -1.39 -13.02
CA GLN A 24 16.80 -2.41 -11.99
C GLN A 24 16.56 -1.67 -10.69
N CYS A 25 15.58 -2.15 -9.96
CA CYS A 25 15.05 -1.45 -8.80
C CYS A 25 15.51 -2.08 -7.49
N GLY A 26 15.77 -1.25 -6.51
CA GLY A 26 16.17 -1.66 -5.17
C GLY A 26 14.98 -2.20 -4.39
N TYR A 27 15.31 -2.86 -3.30
CA TYR A 27 14.35 -3.60 -2.46
C TYR A 27 14.63 -3.40 -1.02
N GLN A 28 13.64 -3.68 -0.19
CA GLN A 28 13.73 -3.57 1.25
C GLN A 28 13.51 -5.00 1.83
N ASN A 29 14.37 -5.36 2.76
CA ASN A 29 14.34 -6.67 3.40
C ASN A 29 13.64 -6.56 4.79
N TYR A 30 12.50 -5.88 4.90
CA TYR A 30 11.86 -5.72 6.17
C TYR A 30 11.39 -7.11 6.69
N ASP A 31 11.32 -7.23 8.02
CA ASP A 31 11.05 -8.51 8.73
C ASP A 31 9.81 -9.21 8.27
N TRP A 32 8.79 -8.44 7.94
CA TRP A 32 7.50 -9.00 7.56
C TRP A 32 7.43 -9.59 6.16
N GLY A 33 8.45 -9.37 5.34
CA GLY A 33 8.50 -9.93 4.03
C GLY A 33 8.47 -11.47 3.90
N LYS A 34 7.89 -11.96 2.81
CA LYS A 34 8.08 -13.40 2.40
C LYS A 34 9.56 -13.66 2.19
N ILE A 35 9.94 -14.89 2.53
CA ILE A 35 11.31 -15.30 2.67
C ILE A 35 11.87 -15.84 1.38
N GLY A 36 13.01 -15.27 0.97
CA GLY A 36 13.77 -15.77 -0.15
C GLY A 36 12.98 -15.80 -1.42
N SER A 37 13.19 -16.84 -2.21
CA SER A 37 12.44 -17.11 -3.42
C SER A 37 10.94 -17.35 -3.33
N SER A 38 10.36 -17.49 -2.15
CA SER A 38 8.88 -17.51 -2.08
C SER A 38 8.34 -16.10 -2.27
N SER A 39 9.19 -15.06 -2.18
CA SER A 39 8.73 -13.63 -2.30
C SER A 39 8.62 -13.21 -3.73
N ALA A 40 7.51 -12.54 -4.08
CA ALA A 40 7.42 -11.95 -5.42
C ALA A 40 8.50 -10.88 -5.62
N VAL A 41 8.89 -10.17 -4.57
CA VAL A 41 9.97 -9.15 -4.69
C VAL A 41 11.29 -9.85 -5.12
N ALA A 42 11.62 -10.95 -4.45
CA ALA A 42 12.85 -11.67 -4.75
C ALA A 42 12.81 -12.25 -6.13
N GLN A 43 11.68 -12.83 -6.50
CA GLN A 43 11.48 -13.39 -7.83
C GLN A 43 11.70 -12.37 -8.92
N PHE A 44 11.11 -11.16 -8.77
CA PHE A 44 11.18 -10.12 -9.78
C PHE A 44 12.63 -9.54 -9.89
N VAL A 45 13.25 -9.32 -8.76
CA VAL A 45 14.62 -8.81 -8.67
C VAL A 45 15.57 -9.76 -9.40
N HIS A 46 15.47 -11.03 -9.09
CA HIS A 46 16.39 -12.04 -9.66
C HIS A 46 16.17 -12.23 -11.14
N ASN A 47 14.90 -12.36 -11.56
CA ASN A 47 14.48 -12.41 -12.96
C ASN A 47 15.13 -11.27 -13.73
N SER A 48 15.02 -10.07 -13.20
CA SER A 48 15.45 -8.90 -13.96
C SER A 48 16.97 -8.88 -14.08
N ASP A 49 17.65 -9.28 -13.02
CA ASP A 49 19.13 -9.36 -12.96
C ASP A 49 19.56 -10.70 -12.34
N PRO A 50 19.70 -11.75 -13.17
CA PRO A 50 20.07 -13.11 -12.72
C PRO A 50 21.41 -13.14 -12.00
N SER A 51 22.20 -12.08 -12.15
CA SER A 51 23.45 -11.97 -11.43
C SER A 51 23.27 -11.66 -9.94
N ILE A 52 22.10 -11.21 -9.49
CA ILE A 52 21.85 -10.97 -8.04
C ILE A 52 21.60 -12.31 -7.35
N THR A 53 22.31 -12.59 -6.27
CA THR A 53 22.05 -13.87 -5.61
C THR A 53 21.03 -13.64 -4.53
N ILE A 54 19.89 -14.32 -4.66
CA ILE A 54 18.87 -14.22 -3.59
C ILE A 54 19.36 -14.91 -2.30
N ASP A 55 19.35 -14.17 -1.22
CA ASP A 55 19.61 -14.71 0.10
C ASP A 55 18.35 -15.43 0.59
N GLU A 56 18.40 -16.75 0.56
CA GLU A 56 17.25 -17.57 0.85
C GLU A 56 16.78 -17.56 2.27
N THR A 57 17.58 -16.99 3.18
CA THR A 57 17.16 -16.87 4.56
C THR A 57 16.51 -15.51 4.86
N LYS A 58 16.51 -14.62 3.90
CA LYS A 58 16.08 -13.25 4.19
C LYS A 58 14.70 -12.92 3.64
N PRO A 59 13.97 -12.04 4.36
CA PRO A 59 12.70 -11.52 3.85
C PRO A 59 12.95 -10.55 2.73
N TYR A 60 12.15 -10.64 1.68
CA TYR A 60 12.14 -9.61 0.62
C TYR A 60 10.79 -8.99 0.56
N ALA A 61 10.66 -7.82 1.17
CA ALA A 61 9.36 -7.25 1.49
C ALA A 61 8.83 -6.31 0.45
N GLU A 62 9.67 -5.39 -0.01
CA GLU A 62 9.22 -4.31 -0.92
C GLU A 62 10.18 -4.15 -2.09
N LEU A 63 9.64 -4.04 -3.31
CA LEU A 63 10.41 -3.57 -4.47
C LEU A 63 10.05 -2.08 -4.66
N TRP A 64 11.04 -1.20 -4.73
CA TRP A 64 10.78 0.25 -4.91
C TRP A 64 11.09 0.68 -6.33
N MET A 65 10.10 1.28 -7.01
CA MET A 65 10.25 1.68 -8.42
C MET A 65 10.02 3.18 -8.42
N GLY A 66 11.06 3.97 -8.69
CA GLY A 66 10.86 5.38 -8.43
C GLY A 66 12.15 6.15 -8.36
N THR A 67 12.00 7.33 -7.76
CA THR A 67 13.07 8.30 -7.60
C THR A 67 13.16 8.76 -6.16
N HIS A 68 12.54 8.04 -5.22
CA HIS A 68 12.69 8.39 -3.78
C HIS A 68 14.17 8.17 -3.40
N PRO A 69 14.82 9.15 -2.73
CA PRO A 69 16.25 9.02 -2.37
C PRO A 69 16.62 7.77 -1.52
N SER A 70 15.68 7.24 -0.70
CA SER A 70 15.99 6.11 0.19
C SER A 70 16.35 4.84 -0.56
N VAL A 71 15.84 4.66 -1.80
CA VAL A 71 16.11 3.41 -2.62
C VAL A 71 16.14 3.78 -4.11
N PRO A 72 17.29 3.63 -4.78
CA PRO A 72 17.35 4.01 -6.20
C PRO A 72 16.94 2.94 -7.19
N SER A 73 16.49 3.40 -8.35
CA SER A 73 16.30 2.58 -9.52
C SER A 73 17.40 2.95 -10.53
N LYS A 74 17.97 1.95 -11.20
CA LYS A 74 19.09 2.21 -12.12
C LYS A 74 18.77 1.79 -13.52
N ALA A 75 19.16 2.63 -14.45
CA ALA A 75 18.90 2.42 -15.84
C ALA A 75 20.04 1.56 -16.37
N ILE A 76 19.80 0.26 -16.45
CA ILE A 76 20.85 -0.68 -16.77
C ILE A 76 21.56 -0.47 -18.10
N ASP A 77 20.86 0.01 -19.16
CA ASP A 77 21.49 0.30 -20.48
C ASP A 77 21.86 1.78 -20.72
N LEU A 78 21.70 2.64 -19.73
CA LEU A 78 22.13 4.04 -19.79
C LEU A 78 23.24 4.25 -18.78
N ASN A 79 24.21 3.32 -18.78
CA ASN A 79 25.44 3.45 -17.95
C ASN A 79 25.05 3.42 -16.49
N ASN A 80 23.95 2.71 -16.18
CA ASN A 80 23.55 2.47 -14.80
C ASN A 80 23.27 3.70 -13.94
N GLN A 81 22.94 4.86 -14.53
CA GLN A 81 22.65 6.01 -13.70
C GLN A 81 21.29 5.84 -13.10
N THR A 82 21.04 6.55 -12.02
CA THR A 82 19.83 6.35 -11.28
C THR A 82 18.76 7.11 -12.01
N LEU A 83 17.55 6.60 -11.88
CA LEU A 83 16.39 7.31 -12.43
C LEU A 83 16.32 8.76 -11.85
N ARG A 84 16.55 8.93 -10.55
CA ARG A 84 16.53 10.25 -9.95
C ARG A 84 17.51 11.21 -10.66
N ASP A 85 18.70 10.71 -10.92
CA ASP A 85 19.70 11.54 -11.59
C ASP A 85 19.24 11.86 -12.99
N LEU A 86 18.72 10.86 -13.73
CA LEU A 86 18.32 11.11 -15.13
C LEU A 86 17.22 12.15 -15.18
N VAL A 87 16.29 12.10 -14.24
CA VAL A 87 15.19 13.11 -14.16
C VAL A 87 15.75 14.49 -13.89
N THR A 88 16.65 14.52 -12.91
CA THR A 88 17.24 15.75 -12.44
C THR A 88 18.04 16.44 -13.56
N ALA A 89 18.79 15.65 -14.35
CA ALA A 89 19.49 16.15 -15.57
C ALA A 89 18.57 16.63 -16.70
N LYS A 90 17.43 15.98 -16.92
CA LYS A 90 16.51 16.38 -17.99
C LYS A 90 15.06 16.45 -17.53
N PRO A 91 14.72 17.39 -16.64
CA PRO A 91 13.36 17.44 -16.10
C PRO A 91 12.27 17.62 -17.12
N GLN A 92 12.57 18.43 -18.13
CA GLN A 92 11.54 18.76 -19.14
C GLN A 92 11.15 17.50 -19.97
N GLU A 93 12.14 16.70 -20.33
CA GLU A 93 11.95 15.45 -21.07
C GLU A 93 11.27 14.34 -20.18
N TYR A 94 11.76 14.17 -18.96
CA TYR A 94 11.34 13.06 -18.07
C TYR A 94 10.04 13.33 -17.29
N LEU A 95 9.80 14.60 -16.91
CA LEU A 95 8.58 14.98 -16.18
C LEU A 95 7.58 15.77 -17.01
N GLY A 96 8.10 16.75 -17.70
CA GLY A 96 7.29 17.72 -18.39
C GLY A 96 6.89 18.85 -17.50
N GLU A 97 6.76 20.03 -18.10
CA GLU A 97 6.46 21.26 -17.39
C GLU A 97 5.20 21.18 -16.53
N SER A 98 4.14 20.54 -17.02
CA SER A 98 2.87 20.40 -16.25
C SER A 98 3.05 19.69 -14.86
N ILE A 99 3.89 18.65 -14.85
CA ILE A 99 4.18 17.85 -13.67
C ILE A 99 5.19 18.64 -12.83
N ILE A 100 6.21 19.22 -13.46
CA ILE A 100 7.15 20.08 -12.71
C ILE A 100 6.38 21.14 -11.95
N THR A 101 5.44 21.81 -12.62
CA THR A 101 4.66 22.91 -11.99
C THR A 101 3.65 22.50 -10.88
N LYS A 102 2.84 21.51 -11.19
CA LYS A 102 1.85 21.03 -10.20
C LYS A 102 2.50 20.48 -8.92
N PHE A 103 3.55 19.69 -9.04
CA PHE A 103 4.06 18.99 -7.84
C PHE A 103 5.26 19.71 -7.22
N GLY A 104 5.85 20.66 -7.94
CA GLY A 104 6.90 21.49 -7.37
C GLY A 104 8.31 20.92 -7.32
N SER A 105 8.65 20.00 -8.21
CA SER A 105 10.00 19.47 -8.26
C SER A 105 10.47 19.30 -9.68
N SER A 106 11.78 19.52 -9.85
CA SER A 106 12.52 19.25 -11.08
C SER A 106 13.43 18.06 -10.98
N LYS A 107 13.31 17.34 -9.86
CA LYS A 107 14.27 16.32 -9.47
C LYS A 107 13.69 14.93 -9.41
N GLU A 108 12.39 14.83 -9.19
CA GLU A 108 11.79 13.53 -8.87
C GLU A 108 10.38 13.35 -9.33
N LEU A 109 9.97 12.08 -9.45
CA LEU A 109 8.57 11.68 -9.64
C LEU A 109 7.76 12.10 -8.43
N PRO A 110 6.55 12.55 -8.64
CA PRO A 110 5.71 12.80 -7.49
C PRO A 110 5.07 11.52 -6.86
N PHE A 111 5.29 10.33 -7.46
CA PHE A 111 4.74 9.06 -6.92
C PHE A 111 5.91 8.07 -6.71
N LEU A 112 5.71 7.10 -5.85
CA LEU A 112 6.60 5.96 -5.66
C LEU A 112 5.74 4.70 -5.86
N PHE A 113 6.22 3.75 -6.66
CA PHE A 113 5.45 2.60 -7.09
C PHE A 113 6.13 1.39 -6.49
N LYS A 114 5.37 0.46 -5.91
CA LYS A 114 5.99 -0.71 -5.18
C LYS A 114 5.31 -2.04 -5.49
N VAL A 115 6.05 -3.15 -5.34
CA VAL A 115 5.48 -4.49 -5.11
C VAL A 115 5.73 -4.83 -3.67
N LEU A 116 4.68 -5.23 -2.95
CA LEU A 116 4.85 -5.78 -1.62
C LEU A 116 4.58 -7.27 -1.61
N SER A 117 5.39 -8.04 -0.87
CA SER A 117 5.15 -9.48 -0.78
C SER A 117 5.13 -9.79 0.73
N ILE A 118 3.90 -9.97 1.24
CA ILE A 118 3.66 -9.85 2.70
C ILE A 118 3.54 -11.23 3.35
N GLU A 119 4.40 -11.53 4.32
CA GLU A 119 4.28 -12.78 5.09
C GLU A 119 3.63 -12.54 6.45
N LYS A 120 4.06 -11.51 7.17
CA LYS A 120 3.45 -11.16 8.44
C LYS A 120 2.80 -9.78 8.38
N VAL A 121 1.89 -9.53 9.29
CA VAL A 121 1.20 -8.22 9.28
C VAL A 121 2.24 -7.06 9.42
N LEU A 122 1.99 -5.95 8.73
CA LEU A 122 2.81 -4.73 8.89
C LEU A 122 2.43 -4.03 10.15
N SER A 123 3.21 -2.98 10.49
CA SER A 123 2.87 -2.11 11.59
C SER A 123 1.48 -1.52 11.44
N ILE A 124 0.80 -1.40 12.57
CA ILE A 124 -0.32 -0.48 12.76
C ILE A 124 0.28 0.89 12.46
N GLN A 125 -0.19 1.51 11.40
CA GLN A 125 0.45 2.68 10.86
C GLN A 125 -0.51 3.70 10.28
N ALA A 126 -0.02 4.94 10.23
CA ALA A 126 -0.70 6.02 9.52
C ALA A 126 0.36 6.96 8.96
N HIS A 127 0.06 7.53 7.79
CA HIS A 127 0.98 8.43 7.11
C HIS A 127 0.46 9.88 7.26
N PRO A 128 1.37 10.84 7.38
CA PRO A 128 0.93 12.23 7.60
C PRO A 128 0.27 12.85 6.40
N ASP A 129 -0.54 13.89 6.65
CA ASP A 129 -1.00 14.73 5.56
C ASP A 129 0.12 15.75 5.30
N LYS A 130 -0.17 16.82 4.55
CA LYS A 130 0.91 17.76 4.22
C LYS A 130 1.39 18.53 5.36
N LYS A 131 0.44 18.99 6.17
CA LYS A 131 0.78 19.82 7.38
C LYS A 131 1.63 19.04 8.38
N LEU A 132 1.20 17.82 8.71
CA LEU A 132 1.99 16.96 9.62
C LEU A 132 3.31 16.45 9.05
N GLY A 133 3.32 16.19 7.76
CA GLY A 133 4.50 15.88 7.05
C GLY A 133 5.62 16.91 7.32
N ALA A 134 5.29 18.18 7.05
CA ALA A 134 6.22 19.25 7.32
C ALA A 134 6.59 19.35 8.77
N GLN A 135 5.62 19.29 9.72
CA GLN A 135 5.94 19.36 11.13
C GLN A 135 6.82 18.18 11.62
N LEU A 136 6.50 16.97 11.19
CA LEU A 136 7.29 15.79 11.66
C LEU A 136 8.74 15.83 11.18
N HIS A 137 8.90 16.06 9.89
CA HIS A 137 10.18 16.22 9.26
C HIS A 137 11.04 17.30 9.96
N ALA A 138 10.43 18.41 10.24
CA ALA A 138 11.09 19.48 11.00
C ALA A 138 11.47 19.07 12.42
N ALA A 139 10.66 18.27 13.09
CA ALA A 139 10.93 17.90 14.48
C ALA A 139 11.85 16.71 14.62
N ASP A 140 11.86 15.78 13.66
CA ASP A 140 12.58 14.54 13.80
C ASP A 140 12.88 14.01 12.39
N PRO A 141 13.85 14.67 11.70
CA PRO A 141 14.13 14.30 10.32
C PRO A 141 14.75 12.91 10.15
N LYS A 142 15.30 12.37 11.22
CA LYS A 142 15.79 10.99 11.25
C LYS A 142 14.70 9.99 10.97
N ASN A 143 13.65 10.08 11.77
CA ASN A 143 12.52 9.14 11.66
C ASN A 143 11.47 9.50 10.62
N TYR A 144 11.40 10.78 10.22
CA TYR A 144 10.47 11.32 9.24
C TYR A 144 11.35 11.98 8.15
N PRO A 145 11.76 11.14 7.15
CA PRO A 145 12.86 11.48 6.27
C PRO A 145 12.55 12.44 5.16
N ASP A 146 11.26 12.77 4.92
CA ASP A 146 10.94 13.82 4.04
C ASP A 146 9.76 14.61 4.59
N ASP A 147 9.36 15.66 3.88
CA ASP A 147 8.26 16.51 4.36
C ASP A 147 6.93 16.25 3.64
N ASN A 148 6.81 15.13 2.93
CA ASN A 148 5.63 14.94 2.11
C ASN A 148 4.48 14.22 2.85
N HIS A 149 3.29 14.26 2.26
CA HIS A 149 2.13 13.44 2.69
C HIS A 149 2.26 12.08 2.02
N LYS A 150 1.49 11.08 2.48
CA LYS A 150 1.46 9.79 1.77
C LYS A 150 0.09 9.08 1.74
N PRO A 151 -0.86 9.66 1.05
CA PRO A 151 -1.99 8.83 0.57
C PRO A 151 -1.42 7.70 -0.30
N GLU A 152 -2.10 6.57 -0.27
CA GLU A 152 -1.66 5.40 -1.04
C GLU A 152 -2.80 4.55 -1.59
N MET A 153 -2.44 3.60 -2.43
CA MET A 153 -3.40 2.65 -2.96
C MET A 153 -2.77 1.29 -3.08
N ALA A 154 -3.56 0.29 -2.76
CA ALA A 154 -3.19 -1.09 -2.90
C ALA A 154 -4.09 -1.79 -3.90
N ILE A 155 -3.46 -2.57 -4.80
CA ILE A 155 -4.11 -3.50 -5.71
C ILE A 155 -3.69 -4.94 -5.37
N ALA A 156 -4.68 -5.77 -5.10
CA ALA A 156 -4.41 -7.14 -4.76
C ALA A 156 -3.87 -7.91 -6.00
N VAL A 157 -2.68 -8.45 -5.91
CA VAL A 157 -2.12 -9.31 -6.99
C VAL A 157 -2.47 -10.77 -6.66
N THR A 158 -2.34 -11.17 -5.40
CA THR A 158 -2.95 -12.40 -4.90
C THR A 158 -4.05 -11.95 -3.97
N ASP A 159 -4.78 -12.89 -3.39
CA ASP A 159 -5.77 -12.52 -2.44
C ASP A 159 -5.12 -11.80 -1.26
N PHE A 160 -5.73 -10.73 -0.80
CA PHE A 160 -5.14 -9.89 0.21
C PHE A 160 -6.09 -9.69 1.42
N GLU A 161 -5.49 -9.48 2.59
CA GLU A 161 -6.17 -8.96 3.73
C GLU A 161 -5.40 -7.78 4.32
N GLY A 162 -6.14 -6.91 5.00
CA GLY A 162 -5.53 -5.84 5.77
C GLY A 162 -6.51 -5.21 6.70
N PHE A 163 -5.99 -4.42 7.59
CA PHE A 163 -6.75 -3.50 8.41
C PHE A 163 -6.81 -2.14 7.72
N CYS A 164 -7.98 -1.51 7.77
CA CYS A 164 -8.14 -0.16 7.22
C CYS A 164 -9.36 0.60 7.81
N GLY A 165 -9.04 1.59 8.64
CA GLY A 165 -9.97 2.55 9.25
C GLY A 165 -10.62 1.99 10.52
N PHE A 166 -11.05 2.88 11.38
CA PHE A 166 -11.84 2.50 12.53
C PHE A 166 -13.18 1.86 12.06
N LYS A 167 -13.61 0.81 12.77
CA LYS A 167 -14.92 0.19 12.56
C LYS A 167 -16.05 1.16 12.85
N PRO A 168 -17.23 0.93 12.26
CA PRO A 168 -18.40 1.76 12.56
C PRO A 168 -18.70 1.73 14.08
N LEU A 169 -19.28 2.80 14.54
CA LEU A 169 -19.34 3.04 15.98
C LEU A 169 -20.17 2.02 16.74
N ASP A 170 -21.20 1.50 16.08
CA ASP A 170 -22.07 0.50 16.72
C ASP A 170 -21.27 -0.81 16.91
N GLN A 171 -20.35 -1.15 16.00
CA GLN A 171 -19.49 -2.29 16.12
C GLN A 171 -18.48 -2.08 17.26
N LEU A 172 -17.92 -0.88 17.33
CA LEU A 172 -17.03 -0.54 18.40
C LEU A 172 -17.77 -0.53 19.74
N ALA A 173 -19.01 -0.07 19.77
CA ALA A 173 -19.75 -0.08 21.06
C ALA A 173 -19.96 -1.53 21.49
N LYS A 174 -20.36 -2.40 20.55
CA LYS A 174 -20.56 -3.82 20.84
C LYS A 174 -19.30 -4.47 21.39
N THR A 175 -18.18 -4.23 20.72
CA THR A 175 -16.88 -4.74 21.15
C THR A 175 -16.49 -4.25 22.55
N LEU A 176 -16.70 -2.96 22.83
CA LEU A 176 -16.40 -2.42 24.10
C LEU A 176 -17.24 -3.06 25.23
N ALA A 177 -18.49 -3.34 24.94
CA ALA A 177 -19.40 -3.91 25.92
C ALA A 177 -19.18 -5.40 26.15
N THR A 178 -18.70 -6.12 25.13
CA THR A 178 -18.68 -7.58 25.17
C THR A 178 -17.32 -8.27 25.26
N VAL A 179 -16.22 -7.53 25.11
CA VAL A 179 -14.88 -8.12 25.21
C VAL A 179 -14.30 -7.67 26.53
N PRO A 180 -14.30 -8.57 27.55
CA PRO A 180 -13.88 -8.24 28.92
C PRO A 180 -12.48 -7.63 29.03
N GLU A 181 -11.53 -8.20 28.32
CA GLU A 181 -10.15 -7.72 28.36
C GLU A 181 -10.02 -6.28 27.80
N LEU A 182 -10.81 -5.89 26.78
CA LEU A 182 -10.77 -4.49 26.30
C LEU A 182 -11.49 -3.56 27.28
N ASN A 183 -12.68 -3.96 27.69
CA ASN A 183 -13.49 -3.23 28.65
C ASN A 183 -12.65 -2.87 29.93
N GLU A 184 -11.90 -3.85 30.44
CA GLU A 184 -11.00 -3.62 31.59
C GLU A 184 -9.89 -2.60 31.34
N ILE A 185 -9.32 -2.57 30.12
CA ILE A 185 -8.29 -1.58 29.82
C ILE A 185 -8.91 -0.20 29.67
N ILE A 186 -10.07 -0.09 29.03
CA ILE A 186 -10.67 1.21 28.78
C ILE A 186 -11.26 1.69 30.08
N GLY A 187 -11.80 0.78 30.86
CA GLY A 187 -12.49 1.16 32.14
C GLY A 187 -13.99 1.45 31.88
N GLN A 188 -14.86 1.09 32.82
CA GLN A 188 -16.29 1.08 32.57
C GLN A 188 -16.80 2.48 32.44
N GLU A 189 -16.16 3.42 33.12
CA GLU A 189 -16.66 4.80 33.08
C GLU A 189 -16.46 5.37 31.68
N LEU A 190 -15.29 5.09 31.09
CA LEU A 190 -15.03 5.57 29.74
C LEU A 190 -15.85 4.78 28.69
N VAL A 191 -16.01 3.47 28.90
CA VAL A 191 -16.88 2.69 28.01
C VAL A 191 -18.32 3.31 28.01
N ASP A 192 -18.86 3.59 29.18
CA ASP A 192 -20.17 4.23 29.34
C ASP A 192 -20.22 5.59 28.67
N GLU A 193 -19.18 6.39 28.90
CA GLU A 193 -19.12 7.69 28.28
C GLU A 193 -19.19 7.58 26.75
N PHE A 194 -18.50 6.57 26.19
CA PHE A 194 -18.42 6.39 24.75
C PHE A 194 -19.77 5.91 24.24
N ILE A 195 -20.29 4.84 24.81
CA ILE A 195 -21.51 4.25 24.29
C ILE A 195 -22.72 5.17 24.47
N SER A 196 -22.88 5.83 25.61
CA SER A 196 -23.96 6.87 25.80
C SER A 196 -23.78 8.02 24.87
N GLY A 197 -22.54 8.46 24.71
CA GLY A 197 -22.27 9.72 24.07
C GLY A 197 -22.38 9.75 22.58
N ILE A 198 -22.11 8.64 21.89
CA ILE A 198 -22.11 8.61 20.43
C ILE A 198 -23.52 8.88 19.92
N LYS A 199 -23.64 9.57 18.77
CA LYS A 199 -24.95 9.84 18.12
C LYS A 199 -24.90 9.55 16.67
N LEU A 200 -25.88 8.78 16.22
CA LEU A 200 -26.00 8.36 14.85
C LEU A 200 -27.48 8.44 14.40
N PRO A 201 -27.77 8.70 13.13
CA PRO A 201 -26.77 9.01 12.12
C PRO A 201 -26.15 10.37 12.41
N ALA A 202 -24.96 10.57 11.88
CA ALA A 202 -24.28 11.84 12.01
C ALA A 202 -23.69 12.11 10.66
N GLU A 203 -23.92 13.32 10.17
CA GLU A 203 -23.35 13.78 8.93
C GLU A 203 -21.92 14.23 9.25
N VAL A 204 -21.03 13.99 8.31
CA VAL A 204 -19.61 14.26 8.47
C VAL A 204 -19.47 15.75 8.57
N GLY A 205 -18.75 16.24 9.56
CA GLY A 205 -18.66 17.66 9.77
C GLY A 205 -19.61 18.19 10.84
N SER A 206 -20.77 17.55 11.03
CA SER A 206 -21.74 17.96 12.09
C SER A 206 -21.15 17.89 13.48
N GLN A 207 -21.71 18.66 14.42
CA GLN A 207 -21.25 18.61 15.82
C GLN A 207 -21.38 17.20 16.44
N ASP A 208 -22.40 16.45 16.03
CA ASP A 208 -22.52 15.06 16.46
C ASP A 208 -21.31 14.21 16.02
N ASP A 209 -20.89 14.38 14.78
CA ASP A 209 -19.69 13.73 14.25
C ASP A 209 -18.44 14.15 15.00
N VAL A 210 -18.26 15.45 15.18
CA VAL A 210 -17.11 15.96 15.87
C VAL A 210 -17.01 15.33 17.23
N ASN A 211 -18.15 15.22 17.93
CA ASN A 211 -18.18 14.71 19.31
C ASN A 211 -17.92 13.20 19.29
N ASN A 212 -18.45 12.51 18.29
CA ASN A 212 -18.26 11.05 18.15
C ASN A 212 -16.74 10.75 18.06
N ARG A 213 -16.03 11.60 17.31
CA ARG A 213 -14.62 11.42 17.01
C ARG A 213 -13.79 11.71 18.20
N LYS A 214 -14.13 12.78 18.90
CA LYS A 214 -13.51 13.06 20.18
C LYS A 214 -13.66 11.89 21.19
N LEU A 215 -14.83 11.25 21.21
CA LEU A 215 -15.03 10.14 22.15
C LEU A 215 -14.15 8.94 21.72
N LEU A 216 -14.14 8.69 20.42
CA LEU A 216 -13.33 7.59 19.90
C LEU A 216 -11.81 7.82 20.18
N GLN A 217 -11.37 9.06 20.08
CA GLN A 217 -10.00 9.41 20.41
C GLN A 217 -9.69 9.20 21.85
N LYS A 218 -10.63 9.55 22.75
CA LYS A 218 -10.46 9.22 24.16
C LYS A 218 -10.24 7.73 24.44
N VAL A 219 -11.06 6.89 23.83
CA VAL A 219 -10.91 5.41 23.97
C VAL A 219 -9.60 4.93 23.39
N PHE A 220 -9.30 5.31 22.18
CA PHE A 220 -8.06 4.92 21.52
C PHE A 220 -6.83 5.40 22.26
N GLY A 221 -6.83 6.62 22.82
CA GLY A 221 -5.64 7.10 23.57
C GLY A 221 -5.44 6.37 24.86
N LYS A 222 -6.54 6.02 25.50
CA LYS A 222 -6.48 5.31 26.77
C LYS A 222 -5.84 3.94 26.47
N LEU A 223 -6.29 3.28 25.40
CA LEU A 223 -5.67 1.98 25.03
C LEU A 223 -4.22 2.15 24.69
N MET A 224 -3.89 3.07 23.80
CA MET A 224 -2.53 3.12 23.24
C MET A 224 -1.44 3.52 24.27
N ASN A 225 -1.86 4.17 25.36
CA ASN A 225 -0.96 4.63 26.38
C ASN A 225 -0.91 3.63 27.57
N THR A 226 -1.53 2.47 27.44
CA THR A 226 -1.54 1.51 28.53
C THR A 226 -0.13 0.87 28.65
N ASP A 227 0.29 0.66 29.89
CA ASP A 227 1.57 0.06 30.27
C ASP A 227 1.73 -1.27 29.56
N ASP A 228 2.93 -1.56 29.05
CA ASP A 228 3.12 -2.80 28.33
C ASP A 228 2.86 -4.07 29.11
N ASP A 229 3.20 -4.13 30.41
CA ASP A 229 2.91 -5.33 31.21
C ASP A 229 1.42 -5.57 31.35
N VAL A 230 0.64 -4.52 31.42
CA VAL A 230 -0.83 -4.67 31.38
C VAL A 230 -1.30 -5.24 30.03
N ILE A 231 -0.81 -4.67 28.93
CA ILE A 231 -1.07 -5.25 27.61
C ILE A 231 -0.69 -6.74 27.54
N LYS A 232 0.47 -7.12 28.02
CA LYS A 232 0.82 -8.56 28.04
C LYS A 232 -0.10 -9.46 28.82
N GLN A 233 -0.52 -9.01 30.00
CA GLN A 233 -1.49 -9.72 30.82
C GLN A 233 -2.87 -9.85 30.12
N GLN A 234 -3.36 -8.74 29.58
CA GLN A 234 -4.69 -8.75 28.94
C GLN A 234 -4.72 -9.48 27.60
N THR A 235 -3.63 -9.42 26.83
CA THR A 235 -3.54 -10.18 25.59
C THR A 235 -3.59 -11.69 25.82
N ALA A 236 -2.97 -12.11 26.89
CA ALA A 236 -2.96 -13.54 27.26
C ALA A 236 -4.36 -13.98 27.56
N LYS A 237 -5.08 -13.16 28.30
CA LYS A 237 -6.47 -13.47 28.63
C LYS A 237 -7.38 -13.35 27.46
N LEU A 238 -7.08 -12.43 26.55
CA LEU A 238 -7.89 -12.34 25.34
C LEU A 238 -7.77 -13.63 24.53
N LEU A 239 -6.53 -14.08 24.39
CA LEU A 239 -6.25 -15.28 23.59
C LEU A 239 -6.93 -16.52 24.12
N GLU A 240 -6.88 -16.70 25.42
CA GLU A 240 -7.62 -17.71 26.16
C GLU A 240 -9.11 -17.60 25.86
N ARG A 241 -9.66 -16.39 25.93
CA ARG A 241 -11.07 -16.21 25.64
C ARG A 241 -11.43 -16.56 24.19
N THR A 242 -10.57 -16.28 23.20
CA THR A 242 -10.89 -16.70 21.79
C THR A 242 -11.01 -18.23 21.70
N ASP A 243 -10.27 -18.92 22.55
CA ASP A 243 -10.38 -20.39 22.62
C ASP A 243 -11.63 -20.85 23.42
N ARG A 244 -11.81 -20.36 24.63
CA ARG A 244 -12.91 -20.79 25.46
C ARG A 244 -14.30 -20.24 25.02
N GLU A 245 -14.35 -19.00 24.55
CA GLU A 245 -15.62 -18.39 24.11
C GLU A 245 -15.56 -17.78 22.71
N PRO A 246 -15.30 -18.62 21.70
CA PRO A 246 -15.19 -18.04 20.36
C PRO A 246 -16.39 -17.21 19.97
N GLN A 247 -17.59 -17.55 20.48
CA GLN A 247 -18.79 -16.92 19.92
C GLN A 247 -18.88 -15.44 20.26
N VAL A 248 -18.30 -15.04 21.38
CA VAL A 248 -18.23 -13.61 21.71
C VAL A 248 -17.60 -12.84 20.52
N PHE A 249 -16.52 -13.42 19.97
CA PHE A 249 -15.76 -12.81 18.90
C PHE A 249 -16.44 -12.93 17.58
N LYS A 250 -16.95 -14.11 17.26
CA LYS A 250 -17.74 -14.27 16.01
C LYS A 250 -18.97 -13.38 15.89
N ASP A 251 -19.61 -13.06 17.00
CA ASP A 251 -20.78 -12.15 16.94
C ASP A 251 -20.40 -10.78 16.45
N ILE A 252 -19.15 -10.38 16.71
CA ILE A 252 -18.62 -9.09 16.21
C ILE A 252 -18.30 -9.30 14.73
N ASP A 253 -17.51 -10.33 14.41
CA ASP A 253 -17.22 -10.63 13.05
C ASP A 253 -16.78 -12.09 12.98
N SER A 254 -17.29 -12.82 11.99
CA SER A 254 -17.03 -14.25 11.99
C SER A 254 -15.59 -14.63 11.83
N ARG A 255 -14.76 -13.80 11.20
CA ARG A 255 -13.32 -14.18 11.01
C ARG A 255 -12.45 -13.84 12.25
N LEU A 256 -13.03 -13.21 13.26
CA LEU A 256 -12.20 -12.52 14.25
C LEU A 256 -11.40 -13.41 15.22
N PRO A 257 -12.00 -14.46 15.82
CA PRO A 257 -11.14 -15.28 16.69
C PRO A 257 -9.92 -15.89 16.03
N GLU A 258 -10.09 -16.32 14.81
CA GLU A 258 -8.99 -16.93 14.03
C GLU A 258 -7.95 -15.82 13.72
N LEU A 259 -8.43 -14.65 13.32
CA LEU A 259 -7.49 -13.51 13.10
C LEU A 259 -6.60 -13.24 14.30
N ILE A 260 -7.21 -13.14 15.49
CA ILE A 260 -6.51 -12.85 16.71
C ILE A 260 -5.47 -13.94 16.98
N GLN A 261 -5.89 -15.18 16.80
CA GLN A 261 -4.97 -16.30 16.97
C GLN A 261 -3.77 -16.29 15.99
N ARG A 262 -4.07 -16.00 14.74
CA ARG A 262 -3.07 -16.00 13.71
C ARG A 262 -2.04 -14.85 13.91
N LEU A 263 -2.51 -13.65 14.24
CA LEU A 263 -1.60 -12.52 14.49
C LEU A 263 -0.84 -12.64 15.79
N ASN A 264 -1.43 -13.18 16.85
CA ASN A 264 -0.70 -13.47 18.02
C ASN A 264 0.45 -14.48 17.80
N LYS A 265 0.30 -15.38 16.88
CA LYS A 265 1.43 -16.27 16.60
C LYS A 265 2.60 -15.46 15.99
N GLN A 266 2.27 -14.44 15.16
CA GLN A 266 3.29 -13.56 14.50
C GLN A 266 3.98 -12.57 15.44
N PHE A 267 3.19 -11.92 16.27
CA PHE A 267 3.59 -10.92 17.25
C PHE A 267 2.90 -11.25 18.57
N PRO A 268 3.44 -12.23 19.33
CA PRO A 268 2.89 -12.57 20.67
C PRO A 268 2.66 -11.38 21.56
N ASN A 269 1.43 -11.28 22.10
CA ASN A 269 1.11 -10.33 23.15
C ASN A 269 1.28 -8.84 22.74
N ASP A 270 1.08 -8.56 21.47
CA ASP A 270 1.29 -7.21 20.91
C ASP A 270 0.06 -6.40 21.13
N ILE A 271 0.22 -5.11 21.32
CA ILE A 271 -0.92 -4.23 21.46
C ILE A 271 -1.82 -4.24 20.22
N GLY A 272 -1.26 -4.60 19.06
CA GLY A 272 -2.00 -4.67 17.80
C GLY A 272 -3.18 -5.69 17.86
N LEU A 273 -3.10 -6.64 18.79
CA LEU A 273 -4.20 -7.58 19.01
C LEU A 273 -5.41 -6.82 19.55
N PHE A 274 -5.21 -5.75 20.28
CA PHE A 274 -6.34 -4.92 20.60
C PHE A 274 -6.62 -3.83 19.56
N CYS A 275 -5.60 -3.02 19.28
CA CYS A 275 -5.82 -1.86 18.51
C CYS A 275 -6.09 -2.13 17.01
N GLY A 276 -5.52 -3.18 16.41
CA GLY A 276 -5.89 -3.61 15.05
C GLY A 276 -7.09 -4.51 15.08
N CYS A 277 -6.98 -5.70 15.71
CA CYS A 277 -8.01 -6.71 15.58
C CYS A 277 -9.37 -6.22 16.09
N LEU A 278 -9.39 -5.44 17.17
CA LEU A 278 -10.67 -5.02 17.76
C LEU A 278 -11.15 -3.66 17.28
N LEU A 279 -10.27 -2.78 16.83
CA LEU A 279 -10.76 -1.42 16.43
C LEU A 279 -10.83 -1.07 14.98
N LEU A 280 -10.13 -1.83 14.13
CA LEU A 280 -10.00 -1.51 12.72
C LEU A 280 -10.75 -2.53 11.86
N ASN A 281 -11.26 -2.07 10.76
CA ASN A 281 -11.96 -3.02 9.83
C ASN A 281 -10.95 -4.00 9.30
N HIS A 282 -11.34 -5.26 9.28
CA HIS A 282 -10.61 -6.32 8.63
C HIS A 282 -11.16 -6.45 7.20
N VAL A 283 -10.34 -6.05 6.25
CA VAL A 283 -10.71 -6.02 4.82
C VAL A 283 -10.05 -7.19 4.12
N GLY A 284 -10.82 -7.86 3.28
CA GLY A 284 -10.27 -8.81 2.33
C GLY A 284 -10.48 -8.22 0.95
N LEU A 285 -9.46 -8.31 0.11
CA LEU A 285 -9.55 -8.03 -1.32
C LEU A 285 -9.23 -9.30 -2.14
N ASN A 286 -10.12 -9.62 -3.08
CA ASN A 286 -9.82 -10.67 -4.03
C ASN A 286 -8.86 -10.13 -5.03
N LYS A 287 -8.11 -11.02 -5.70
CA LYS A 287 -7.19 -10.53 -6.71
C LYS A 287 -7.80 -9.61 -7.75
N GLY A 288 -7.12 -8.53 -8.06
CA GLY A 288 -7.63 -7.47 -8.93
C GLY A 288 -8.43 -6.37 -8.26
N GLU A 289 -8.97 -6.63 -7.06
CA GLU A 289 -9.67 -5.58 -6.35
C GLU A 289 -8.66 -4.66 -5.70
N ALA A 290 -9.09 -3.43 -5.45
CA ALA A 290 -8.18 -2.40 -4.91
C ALA A 290 -8.87 -1.50 -3.89
N MET A 291 -8.04 -0.76 -3.15
CA MET A 291 -8.53 0.23 -2.20
C MET A 291 -7.57 1.38 -2.07
N PHE A 292 -8.08 2.57 -1.80
CA PHE A 292 -7.23 3.71 -1.54
C PHE A 292 -7.28 4.13 -0.06
N LEU A 293 -6.22 4.77 0.39
CA LEU A 293 -6.16 5.26 1.77
C LEU A 293 -5.74 6.68 1.69
N GLN A 294 -6.57 7.61 2.16
CA GLN A 294 -6.12 9.00 2.18
C GLN A 294 -5.08 9.09 3.34
N ALA A 295 -4.38 10.19 3.32
CA ALA A 295 -3.40 10.50 4.36
C ALA A 295 -4.11 10.41 5.70
N LYS A 296 -3.45 9.75 6.64
CA LYS A 296 -3.75 9.65 7.99
C LYS A 296 -4.72 8.50 8.27
N ASP A 297 -5.24 7.80 7.28
CA ASP A 297 -6.10 6.67 7.60
C ASP A 297 -5.20 5.62 8.34
N PRO A 298 -5.63 5.07 9.46
CA PRO A 298 -4.92 3.99 10.14
C PRO A 298 -5.12 2.67 9.43
N HIS A 299 -4.06 1.91 9.33
CA HIS A 299 -4.07 0.68 8.53
C HIS A 299 -2.91 -0.25 8.86
N ALA A 300 -3.07 -1.46 8.41
CA ALA A 300 -1.99 -2.46 8.49
C ALA A 300 -2.29 -3.62 7.65
N TYR A 301 -1.47 -3.83 6.64
CA TYR A 301 -1.66 -4.93 5.64
C TYR A 301 -1.25 -6.24 6.29
N ILE A 302 -2.06 -7.30 6.06
CA ILE A 302 -1.93 -8.58 6.83
C ILE A 302 -1.26 -9.65 5.97
N SER A 303 -1.71 -9.80 4.74
CA SER A 303 -1.28 -10.92 3.91
C SER A 303 -1.50 -10.63 2.43
N GLY A 304 -0.66 -11.24 1.58
CA GLY A 304 -0.82 -11.25 0.13
C GLY A 304 0.33 -10.56 -0.57
N ASP A 305 0.33 -10.66 -1.87
CA ASP A 305 1.23 -9.96 -2.74
C ASP A 305 0.41 -8.85 -3.36
N ILE A 306 0.91 -7.61 -3.33
CA ILE A 306 0.19 -6.46 -3.84
C ILE A 306 1.08 -5.51 -4.62
N ILE A 307 0.42 -4.73 -5.49
CA ILE A 307 0.96 -3.54 -6.10
C ILE A 307 0.51 -2.42 -5.19
N GLU A 308 1.43 -1.51 -4.91
CA GLU A 308 1.10 -0.33 -4.16
C GLU A 308 1.58 0.89 -4.93
N CYS A 309 0.85 1.97 -4.82
CA CYS A 309 1.34 3.23 -5.37
C CYS A 309 1.00 4.31 -4.34
N MET A 310 1.86 5.32 -4.23
CA MET A 310 1.67 6.31 -3.21
C MET A 310 2.27 7.62 -3.67
N ALA A 311 1.94 8.70 -2.96
CA ALA A 311 2.77 9.91 -3.12
C ALA A 311 4.22 9.61 -2.67
N ALA A 312 5.20 10.20 -3.33
CA ALA A 312 6.61 9.98 -3.02
C ALA A 312 6.97 10.42 -1.59
N SER A 313 6.97 9.47 -0.67
CA SER A 313 7.31 9.71 0.74
C SER A 313 7.60 8.37 1.39
N ASP A 314 8.40 8.40 2.44
CA ASP A 314 8.52 7.28 3.31
C ASP A 314 8.22 7.71 4.77
N ASN A 315 7.36 8.73 4.94
CA ASN A 315 6.88 9.10 6.29
C ASN A 315 5.81 8.07 6.80
N VAL A 316 6.03 7.53 7.98
CA VAL A 316 5.08 6.64 8.60
C VAL A 316 5.15 6.72 10.10
N VAL A 317 3.98 6.83 10.74
CA VAL A 317 3.86 6.78 12.16
C VAL A 317 3.34 5.40 12.53
N ARG A 318 4.08 4.67 13.35
CA ARG A 318 3.75 3.27 13.65
C ARG A 318 3.35 3.21 15.13
N ALA A 319 2.50 2.25 15.51
CA ALA A 319 2.13 2.07 16.93
C ALA A 319 1.94 0.65 17.41
N GLY A 320 2.15 -0.35 16.55
CA GLY A 320 1.95 -1.71 16.94
C GLY A 320 2.42 -2.67 15.88
N PHE A 321 2.46 -3.93 16.26
CA PHE A 321 2.91 -5.03 15.40
C PHE A 321 4.23 -4.70 14.66
N THR A 322 5.24 -4.22 15.35
CA THR A 322 6.51 -3.93 14.68
C THR A 322 7.66 -3.79 15.70
N PRO A 323 8.86 -4.25 15.34
CA PRO A 323 10.08 -3.86 16.08
C PRO A 323 10.64 -2.46 15.68
N LYS A 324 10.09 -1.82 14.65
CA LYS A 324 10.62 -0.52 14.19
C LYS A 324 10.14 0.57 15.13
N PHE A 325 10.59 1.80 14.83
CA PHE A 325 10.33 2.98 15.64
C PHE A 325 8.82 3.25 15.73
N LYS A 326 8.30 3.35 16.96
CA LYS A 326 6.92 3.64 17.26
C LYS A 326 6.77 5.05 17.89
N ASP A 327 5.69 5.72 17.56
CA ASP A 327 5.48 7.09 18.04
C ASP A 327 3.99 7.15 18.34
N VAL A 328 3.64 6.58 19.48
CA VAL A 328 2.25 6.47 19.89
C VAL A 328 1.58 7.84 20.05
N LYS A 329 2.28 8.79 20.60
CA LYS A 329 1.70 10.11 20.83
C LYS A 329 1.36 10.82 19.56
N ASN A 330 2.25 10.77 18.55
CA ASN A 330 1.87 11.35 17.26
C ASN A 330 0.71 10.62 16.62
N LEU A 331 0.68 9.30 16.79
CA LEU A 331 -0.37 8.54 16.19
C LEU A 331 -1.76 8.97 16.75
N VAL A 332 -1.85 9.08 18.05
CA VAL A 332 -3.08 9.40 18.70
C VAL A 332 -3.56 10.78 18.30
N GLU A 333 -2.61 11.69 18.23
CA GLU A 333 -2.93 13.08 17.87
C GLU A 333 -3.29 13.25 16.40
N MET A 334 -2.73 12.48 15.48
CA MET A 334 -2.92 12.79 14.05
C MET A 334 -4.19 12.22 13.43
N LEU A 335 -4.75 11.11 13.99
CA LEU A 335 -5.82 10.41 13.28
C LEU A 335 -7.07 11.29 13.24
N THR A 336 -7.83 11.21 12.17
CA THR A 336 -9.09 11.98 12.07
C THR A 336 -10.16 11.30 12.94
N TYR A 337 -10.01 10.00 13.22
CA TYR A 337 -11.08 9.21 13.94
C TYR A 337 -12.40 9.03 13.15
N SER A 338 -12.33 9.06 11.83
CA SER A 338 -13.46 8.70 10.99
C SER A 338 -13.80 7.23 11.13
N TYR A 339 -15.08 6.97 10.97
CA TYR A 339 -15.65 5.63 11.20
C TYR A 339 -16.56 5.28 10.06
N GLU A 340 -16.30 5.91 8.89
CA GLU A 340 -17.09 5.70 7.71
C GLU A 340 -16.90 4.24 7.29
N SER A 341 -17.90 3.67 6.65
CA SER A 341 -17.75 2.34 6.12
C SER A 341 -16.57 2.26 5.16
N VAL A 342 -15.86 1.16 5.26
CA VAL A 342 -14.64 0.96 4.52
C VAL A 342 -14.91 0.72 3.02
N GLU A 343 -16.15 0.35 2.71
CA GLU A 343 -16.60 0.18 1.31
C GLU A 343 -16.44 1.46 0.55
N LYS A 344 -16.51 2.60 1.23
CA LYS A 344 -16.34 3.85 0.53
C LYS A 344 -14.94 4.03 -0.09
N GLN A 345 -13.94 3.24 0.31
CA GLN A 345 -12.62 3.39 -0.32
C GLN A 345 -12.16 2.20 -1.15
N LYS A 346 -13.07 1.24 -1.37
CA LYS A 346 -12.86 0.21 -2.39
C LYS A 346 -13.12 0.84 -3.72
N MET A 347 -12.29 0.57 -4.69
CA MET A 347 -12.36 1.33 -5.92
C MET A 347 -13.16 0.64 -6.98
N PRO A 348 -14.05 1.38 -7.65
CA PRO A 348 -14.59 0.89 -8.93
C PRO A 348 -13.47 0.85 -9.99
N LEU A 349 -13.48 -0.18 -10.77
CA LEU A 349 -12.50 -0.32 -11.81
C LEU A 349 -13.10 0.48 -12.92
N GLN A 350 -12.25 1.17 -13.68
CA GLN A 350 -12.63 1.93 -14.86
C GLN A 350 -11.95 1.49 -16.20
N GLU A 351 -12.62 1.87 -17.29
CA GLU A 351 -12.17 1.60 -18.64
C GLU A 351 -11.11 2.61 -18.96
N PHE A 352 -10.30 2.31 -19.96
CA PHE A 352 -9.18 3.17 -20.34
C PHE A 352 -9.18 3.25 -21.89
N PRO A 353 -9.93 4.26 -22.41
CA PRO A 353 -10.03 4.51 -23.83
C PRO A 353 -8.71 4.60 -24.54
N ARG A 354 -7.66 5.12 -23.87
CA ARG A 354 -6.41 5.35 -24.56
C ARG A 354 -5.56 4.13 -24.70
N SER A 355 -6.08 2.98 -24.29
CA SER A 355 -5.43 1.74 -24.62
C SER A 355 -6.36 0.88 -25.47
N LYS A 356 -5.87 0.24 -26.54
CA LYS A 356 -6.73 -0.60 -27.40
C LYS A 356 -5.99 -1.81 -27.89
N GLY A 357 -6.68 -2.93 -28.06
CA GLY A 357 -6.05 -4.13 -28.63
C GLY A 357 -6.63 -5.39 -28.14
N ASP A 358 -5.81 -6.44 -28.12
CA ASP A 358 -6.21 -7.78 -27.75
C ASP A 358 -6.28 -8.15 -26.28
N ALA A 359 -5.88 -7.24 -25.40
CA ALA A 359 -5.80 -7.58 -23.99
C ALA A 359 -7.22 -7.95 -23.56
N VAL A 360 -7.37 -9.01 -22.79
CA VAL A 360 -8.68 -9.36 -22.24
C VAL A 360 -9.06 -8.43 -21.06
N LYS A 361 -8.08 -7.95 -20.27
CA LYS A 361 -8.32 -6.87 -19.26
C LYS A 361 -7.48 -5.68 -19.52
N SER A 362 -8.11 -4.51 -19.50
CA SER A 362 -7.46 -3.25 -19.58
C SER A 362 -8.20 -2.26 -18.64
N VAL A 363 -7.60 -1.95 -17.50
CA VAL A 363 -8.34 -1.47 -16.33
C VAL A 363 -7.58 -0.33 -15.70
N LEU A 364 -8.23 0.83 -15.63
CA LEU A 364 -7.70 1.96 -14.89
C LEU A 364 -8.08 1.92 -13.38
N TYR A 365 -7.07 1.86 -12.52
CA TYR A 365 -7.20 2.18 -11.08
C TYR A 365 -6.81 3.61 -10.80
N ASP A 366 -7.80 4.50 -10.76
CA ASP A 366 -7.48 5.92 -10.57
C ASP A 366 -8.14 6.43 -9.33
N PRO A 367 -7.43 6.46 -8.19
CA PRO A 367 -8.09 6.92 -6.98
C PRO A 367 -8.15 8.42 -6.95
N PRO A 368 -8.95 8.99 -6.02
CA PRO A 368 -9.03 10.47 -5.88
C PRO A 368 -7.77 11.02 -5.20
N ILE A 369 -6.60 10.76 -5.80
CA ILE A 369 -5.32 11.16 -5.25
C ILE A 369 -4.60 11.66 -6.48
N ALA A 370 -4.15 12.90 -6.43
CA ALA A 370 -3.54 13.59 -7.56
C ALA A 370 -2.26 12.94 -8.12
N GLU A 371 -1.43 12.36 -7.24
CA GLU A 371 -0.06 11.97 -7.58
C GLU A 371 0.05 10.74 -8.49
N PHE A 372 -0.98 9.91 -8.65
CA PHE A 372 -0.87 8.74 -9.53
C PHE A 372 -2.17 8.13 -10.00
N SER A 373 -2.03 7.29 -11.03
CA SER A 373 -2.98 6.27 -11.36
C SER A 373 -2.23 5.03 -11.71
N VAL A 374 -2.91 3.95 -11.86
CA VAL A 374 -2.29 2.69 -12.31
C VAL A 374 -3.17 2.03 -13.41
N LEU A 375 -2.55 1.61 -14.52
CA LEU A 375 -3.24 0.90 -15.58
C LEU A 375 -2.84 -0.52 -15.58
N GLN A 376 -3.81 -1.43 -15.48
CA GLN A 376 -3.52 -2.83 -15.54
C GLN A 376 -3.79 -3.32 -16.97
N THR A 377 -2.93 -4.20 -17.49
CA THR A 377 -3.15 -4.88 -18.78
C THR A 377 -2.91 -6.40 -18.65
N ILE A 378 -3.88 -7.21 -19.10
CA ILE A 378 -3.75 -8.67 -19.05
C ILE A 378 -4.12 -9.24 -20.41
N PHE A 379 -3.23 -10.09 -20.96
CA PHE A 379 -3.51 -10.89 -22.15
C PHE A 379 -3.76 -12.32 -21.74
N ASP A 380 -4.72 -12.96 -22.39
CA ASP A 380 -4.95 -14.37 -22.10
C ASP A 380 -3.74 -15.19 -22.59
N LYS A 381 -3.38 -16.22 -21.83
CA LYS A 381 -2.20 -17.08 -22.19
C LYS A 381 -2.25 -17.69 -23.61
N SER A 382 -3.41 -18.24 -23.97
CA SER A 382 -3.62 -18.83 -25.29
C SER A 382 -3.88 -17.79 -26.37
N LYS A 383 -4.76 -16.81 -26.10
CA LYS A 383 -5.11 -15.85 -27.12
C LYS A 383 -3.95 -14.91 -27.50
N GLY A 384 -3.18 -14.44 -26.52
CA GLY A 384 -2.08 -13.49 -26.82
C GLY A 384 -2.51 -12.15 -27.43
N GLY A 385 -1.68 -11.66 -28.32
CA GLY A 385 -1.98 -10.46 -29.13
C GLY A 385 -1.22 -9.23 -28.73
N LYS A 386 -1.73 -8.09 -29.18
CA LYS A 386 -1.02 -6.82 -29.03
C LYS A 386 -1.95 -5.69 -28.52
N GLN A 387 -1.39 -4.80 -27.71
CA GLN A 387 -2.11 -3.72 -27.12
C GLN A 387 -1.32 -2.53 -27.40
N VAL A 388 -1.99 -1.43 -27.71
CA VAL A 388 -1.33 -0.17 -28.03
C VAL A 388 -1.89 0.90 -27.15
N ILE A 389 -1.04 1.71 -26.53
CA ILE A 389 -1.42 2.74 -25.56
C ILE A 389 -0.84 4.02 -26.06
N GLU A 390 -1.65 5.08 -26.05
CA GLU A 390 -1.17 6.35 -26.46
C GLU A 390 -0.16 6.87 -25.48
N GLY A 391 0.65 7.81 -25.93
CA GLY A 391 1.49 8.65 -25.07
C GLY A 391 0.64 9.30 -23.99
N LEU A 392 1.11 9.23 -22.73
CA LEU A 392 0.38 9.83 -21.65
C LEU A 392 1.19 11.04 -21.28
N ASN A 393 0.51 12.01 -20.65
CA ASN A 393 1.05 13.34 -20.37
C ASN A 393 1.83 13.44 -19.04
N GLY A 394 2.73 12.49 -18.87
CA GLY A 394 3.56 12.46 -17.71
C GLY A 394 4.35 11.16 -17.75
N PRO A 395 5.31 11.04 -16.80
CA PRO A 395 6.16 9.85 -16.67
C PRO A 395 5.37 8.60 -16.21
N SER A 396 5.85 7.43 -16.64
CA SER A 396 5.26 6.17 -16.29
C SER A 396 6.35 5.18 -15.90
N ILE A 397 5.96 4.21 -15.04
CA ILE A 397 6.73 3.01 -14.76
C ILE A 397 5.84 1.82 -15.05
N VAL A 398 6.36 0.84 -15.81
CA VAL A 398 5.64 -0.39 -16.12
C VAL A 398 6.38 -1.55 -15.57
N ILE A 399 5.65 -2.45 -14.90
CA ILE A 399 6.19 -3.74 -14.42
C ILE A 399 5.37 -4.89 -14.98
N ALA A 400 6.03 -5.98 -15.37
CA ALA A 400 5.33 -7.22 -15.70
C ALA A 400 5.29 -8.06 -14.47
N THR A 401 4.09 -8.47 -14.04
CA THR A 401 3.93 -9.31 -12.85
C THR A 401 3.69 -10.79 -13.14
N ASN A 402 3.53 -11.14 -14.43
CA ASN A 402 3.16 -12.50 -14.82
C ASN A 402 3.39 -12.69 -16.31
N GLY A 403 3.80 -13.90 -16.70
CA GLY A 403 4.03 -14.20 -18.11
C GLY A 403 5.16 -13.39 -18.71
N LYS A 404 5.11 -13.20 -20.02
CA LYS A 404 6.18 -12.52 -20.76
C LYS A 404 5.71 -12.03 -22.08
N GLY A 405 6.51 -11.17 -22.66
CA GLY A 405 6.21 -10.61 -23.97
C GLY A 405 7.26 -9.62 -24.39
N THR A 406 6.86 -8.68 -25.24
CA THR A 406 7.75 -7.64 -25.72
C THR A 406 7.09 -6.32 -25.53
N ILE A 407 7.90 -5.27 -25.40
CA ILE A 407 7.45 -3.89 -25.21
C ILE A 407 8.29 -3.05 -26.16
N GLN A 408 7.65 -2.06 -26.80
CA GLN A 408 8.32 -1.17 -27.73
C GLN A 408 7.58 0.17 -27.78
N ILE A 409 8.26 1.21 -28.26
CA ILE A 409 7.62 2.45 -28.70
C ILE A 409 6.91 2.19 -30.04
N THR A 410 5.65 2.60 -30.10
CA THR A 410 4.79 2.26 -31.25
C THR A 410 5.38 2.74 -32.61
N GLY A 411 5.39 1.86 -33.60
CA GLY A 411 5.99 2.18 -34.91
C GLY A 411 7.53 2.21 -35.03
N ASP A 412 8.30 2.08 -33.93
CA ASP A 412 9.77 2.07 -33.94
C ASP A 412 10.33 0.73 -33.45
N ASP A 413 10.46 -0.21 -34.37
CA ASP A 413 10.84 -1.62 -34.04
C ASP A 413 12.26 -1.84 -33.45
N SER A 414 13.12 -0.87 -33.63
CA SER A 414 14.44 -0.85 -33.02
C SER A 414 14.41 -0.72 -31.47
N THR A 415 13.30 -0.20 -30.91
CA THR A 415 13.11 -0.11 -29.45
C THR A 415 12.54 -1.39 -28.81
N LYS A 416 12.20 -2.40 -29.61
CA LYS A 416 11.60 -3.61 -29.11
C LYS A 416 12.56 -4.33 -28.13
N GLN A 417 12.01 -4.70 -26.98
CA GLN A 417 12.75 -5.34 -25.89
C GLN A 417 11.89 -6.39 -25.30
N LYS A 418 12.54 -7.43 -24.78
CA LYS A 418 11.90 -8.46 -24.00
C LYS A 418 11.38 -7.80 -22.71
N ILE A 419 10.17 -8.19 -22.30
CA ILE A 419 9.59 -7.85 -20.97
C ILE A 419 9.08 -9.14 -20.37
N ASP A 420 9.89 -9.73 -19.47
CA ASP A 420 9.54 -10.98 -18.80
C ASP A 420 9.07 -10.59 -17.41
N THR A 421 8.58 -11.57 -16.66
CA THR A 421 8.09 -11.37 -15.34
C THR A 421 9.17 -10.72 -14.47
N GLY A 422 8.78 -9.65 -13.78
CA GLY A 422 9.70 -8.82 -13.00
C GLY A 422 10.46 -7.69 -13.65
N TYR A 423 10.45 -7.62 -14.98
CA TYR A 423 11.12 -6.56 -15.71
C TYR A 423 10.36 -5.25 -15.51
N VAL A 424 11.07 -4.14 -15.30
CA VAL A 424 10.48 -2.84 -15.03
C VAL A 424 11.07 -1.90 -16.04
N PHE A 425 10.25 -0.98 -16.56
CA PHE A 425 10.68 -0.05 -17.61
C PHE A 425 10.14 1.31 -17.24
N PHE A 426 10.92 2.34 -17.47
CA PHE A 426 10.46 3.73 -17.53
C PHE A 426 9.98 4.12 -18.94
N VAL A 427 8.89 4.88 -18.97
CA VAL A 427 8.31 5.42 -20.22
C VAL A 427 8.12 6.93 -20.09
N ALA A 428 8.86 7.64 -20.93
CA ALA A 428 8.93 9.09 -20.94
C ALA A 428 7.58 9.65 -21.34
N PRO A 429 7.22 10.85 -20.82
CA PRO A 429 5.92 11.42 -21.25
C PRO A 429 5.84 11.52 -22.80
N GLY A 430 4.67 11.20 -23.35
CA GLY A 430 4.38 11.37 -24.76
C GLY A 430 4.62 10.11 -25.53
N SER A 431 5.26 9.11 -24.93
CA SER A 431 5.71 7.97 -25.69
C SER A 431 4.63 6.91 -25.73
N SER A 432 4.19 6.54 -26.95
CA SER A 432 3.16 5.56 -27.13
C SER A 432 3.90 4.25 -27.08
N ILE A 433 3.22 3.27 -26.50
CA ILE A 433 3.78 1.96 -26.14
C ILE A 433 2.97 0.91 -26.81
N GLU A 434 3.64 -0.15 -27.26
CA GLU A 434 2.93 -1.32 -27.74
C GLU A 434 3.44 -2.57 -27.06
N LEU A 435 2.54 -3.33 -26.48
CA LEU A 435 2.84 -4.51 -25.80
C LEU A 435 2.43 -5.69 -26.65
N THR A 436 3.20 -6.76 -26.57
CA THR A 436 2.86 -7.99 -27.23
C THR A 436 3.05 -9.21 -26.32
N ALA A 437 2.01 -10.03 -26.21
CA ALA A 437 2.10 -11.30 -25.53
C ALA A 437 2.98 -12.32 -26.28
N ASP A 438 3.70 -13.12 -25.49
CA ASP A 438 4.53 -14.17 -26.05
C ASP A 438 3.58 -15.18 -26.74
N SER A 439 3.98 -15.61 -27.93
CA SER A 439 3.18 -16.54 -28.72
C SER A 439 3.68 -17.98 -28.65
N ALA A 440 4.99 -18.19 -28.46
CA ALA A 440 5.56 -19.54 -28.26
C ALA A 440 5.43 -19.88 -26.77
N ASN A 441 4.22 -20.26 -26.38
CA ASN A 441 3.69 -20.05 -25.01
C ASN A 441 2.18 -20.26 -25.12
N GLN A 442 1.60 -20.88 -24.09
CA GLN A 442 0.14 -20.91 -23.93
C GLN A 442 -0.26 -21.18 -22.47
N ASP A 443 0.60 -20.79 -21.49
CA ASP A 443 0.42 -21.20 -20.07
C ASP A 443 0.44 -20.09 -18.98
N GLN A 444 0.86 -18.86 -19.30
CA GLN A 444 0.81 -17.78 -18.31
C GLN A 444 0.28 -16.51 -18.96
N ASP A 445 -0.74 -15.87 -18.36
CA ASP A 445 -1.34 -14.61 -18.89
C ASP A 445 -0.32 -13.49 -18.71
N PHE A 446 0.14 -12.90 -19.79
CA PHE A 446 1.07 -11.81 -19.71
C PHE A 446 0.33 -10.62 -19.07
N THR A 447 0.88 -10.04 -17.98
CA THR A 447 0.17 -9.03 -17.16
C THR A 447 1.10 -7.93 -16.76
N THR A 448 0.68 -6.69 -16.96
CA THR A 448 1.55 -5.56 -16.61
C THR A 448 0.73 -4.55 -15.80
N TYR A 449 1.42 -3.82 -14.93
CA TYR A 449 0.87 -2.62 -14.24
C TYR A 449 1.73 -1.46 -14.51
N ARG A 450 1.09 -0.38 -14.92
CA ARG A 450 1.78 0.84 -15.20
C ARG A 450 1.31 1.97 -14.30
N ALA A 451 2.23 2.49 -13.48
CA ALA A 451 1.97 3.66 -12.66
C ALA A 451 2.30 4.89 -13.47
N PHE A 452 1.45 5.88 -13.35
CA PHE A 452 1.67 7.11 -14.07
C PHE A 452 0.99 8.24 -13.41
N VAL A 453 1.31 9.45 -13.88
CA VAL A 453 0.66 10.66 -13.40
C VAL A 453 0.49 11.69 -14.56
N GLU A 454 -0.58 12.46 -14.51
CA GLU A 454 -0.89 13.55 -15.49
C GLU A 454 -1.48 14.65 -14.68
N ALA A 455 -1.08 15.88 -14.96
CA ALA A 455 -1.68 17.04 -14.30
C ALA A 455 -3.13 17.18 -14.78
#